data_8PTC
#
_entry.id   8PTC
#
_cell.length_a   90.223
_cell.length_b   126.777
_cell.length_c   62.617
_cell.angle_alpha   90
_cell.angle_beta   90
_cell.angle_gamma   90
#
_symmetry.space_group_name_H-M   'C 2 2 21'
#
loop_
_entity.id
_entity.type
_entity.pdbx_description
1 polymer 'Monoglyceride lipase'
2 non-polymer 4-[(3~{R},4~{S})-2-oxidanylidene-3,4-diphenyl-azetidin-1-yl]piperidine-1-carbaldehyde
3 non-polymer 1,2-ETHANEDIOL
4 water water
#
_entity_poly.entity_id   1
_entity_poly.type   'polypeptide(L)'
_entity_poly.pdbx_seq_one_letter_code
;MGSSHHHHHHSSGENLYFQGMPEESSPRRTPQSIPYQDLPHLVNADGQYLFCRYWAPTGTPKALIFVSHGAGEHSGRYEE
LARMLMGLDLLVFAHDHVGHGQSEGERMVVSDFHVFVRDVLQHVDSMQKDYPGLPVFLLGHSMGGAIAILTAAERPGHFA
GMVLISPLVLANPESATTFKVLAAKVLNSVLPNLSSGPIDSSVLSRNKTEVDIYNSDPLICRAGLKVCFGIQLLNAVSRV
ERALPKLTVPFLLLQGSADRLCDSKGAYLLMELAKSQDKTLKIYEGAYHVLHKELPEVTNSVFHEINMWVSQRTATAGTA
SPP
;
_entity_poly.pdbx_strand_id   A
#
# COMPACT_ATOMS: atom_id res chain seq x y z
N PRO A 22 20.67 29.87 -22.84
CA PRO A 22 19.77 29.27 -21.84
C PRO A 22 20.51 28.31 -20.91
N GLU A 23 20.04 28.28 -19.66
CA GLU A 23 20.64 27.48 -18.62
C GLU A 23 19.61 26.52 -18.05
N GLU A 24 20.07 25.32 -17.67
CA GLU A 24 19.17 24.34 -17.07
C GLU A 24 18.75 24.80 -15.68
N SER A 25 17.44 24.66 -15.37
CA SER A 25 16.86 25.03 -14.08
C SER A 25 17.45 24.18 -12.95
N SER A 26 17.34 24.69 -11.70
CA SER A 26 17.81 24.06 -10.47
C SER A 26 17.25 22.65 -10.35
N PRO A 27 18.09 21.68 -9.91
CA PRO A 27 17.61 20.29 -9.81
C PRO A 27 16.29 20.12 -9.07
N ARG A 28 15.41 19.21 -9.56
CA ARG A 28 14.14 18.94 -8.89
C ARG A 28 14.50 18.21 -7.58
N ARG A 29 13.85 18.61 -6.52
CA ARG A 29 14.13 18.06 -5.20
C ARG A 29 12.90 17.44 -4.62
N THR A 30 13.13 16.51 -3.68
CA THR A 30 12.04 15.90 -2.93
C THR A 30 11.36 16.96 -2.05
N PRO A 31 10.21 16.64 -1.41
CA PRO A 31 9.62 17.64 -0.48
C PRO A 31 10.54 17.89 0.74
N GLN A 32 11.57 17.03 0.94
CA GLN A 32 12.56 17.21 2.03
C GLN A 32 13.85 17.89 1.52
N SER A 33 13.80 18.44 0.29
CA SER A 33 14.82 19.20 -0.45
CA SER A 33 14.86 19.21 -0.35
C SER A 33 16.07 18.40 -0.80
N ILE A 34 15.91 17.08 -1.05
CA ILE A 34 17.03 16.27 -1.54
C ILE A 34 16.92 16.23 -3.06
N PRO A 35 17.97 16.56 -3.85
CA PRO A 35 17.84 16.44 -5.32
C PRO A 35 17.46 15.02 -5.75
N TYR A 36 16.42 14.89 -6.60
CA TYR A 36 16.08 13.57 -7.16
C TYR A 36 17.25 12.94 -7.91
N GLN A 37 18.19 13.78 -8.46
CA GLN A 37 19.35 13.20 -9.16
C GLN A 37 20.26 12.39 -8.26
N ASP A 38 20.16 12.55 -6.93
CA ASP A 38 20.98 11.77 -6.00
C ASP A 38 20.25 10.50 -5.49
N LEU A 39 19.01 10.26 -5.93
CA LEU A 39 18.19 9.17 -5.41
C LEU A 39 17.61 8.35 -6.51
N PRO A 40 17.30 7.06 -6.25
CA PRO A 40 16.57 6.27 -7.25
C PRO A 40 15.18 6.85 -7.40
N HIS A 41 14.73 6.96 -8.65
CA HIS A 41 13.46 7.61 -8.92
C HIS A 41 12.86 7.18 -10.21
N LEU A 42 11.63 7.56 -10.41
CA LEU A 42 10.87 7.27 -11.64
C LEU A 42 9.96 8.49 -11.87
N VAL A 43 9.77 8.95 -13.12
CA VAL A 43 8.86 10.07 -13.35
C VAL A 43 7.53 9.48 -13.85
N ASN A 44 6.41 9.83 -13.19
CA ASN A 44 5.15 9.22 -13.58
C ASN A 44 4.51 9.93 -14.82
N ALA A 45 3.35 9.42 -15.26
CA ALA A 45 2.65 9.96 -16.44
C ALA A 45 2.26 11.41 -16.32
N ASP A 46 2.10 11.91 -15.08
CA ASP A 46 1.80 13.29 -14.78
C ASP A 46 3.04 14.18 -14.64
N GLY A 47 4.25 13.65 -14.88
CA GLY A 47 5.47 14.43 -14.75
C GLY A 47 5.93 14.59 -13.30
N GLN A 48 5.40 13.76 -12.38
CA GLN A 48 5.77 13.82 -10.96
C GLN A 48 6.83 12.80 -10.65
N TYR A 49 7.86 13.20 -9.88
CA TYR A 49 8.93 12.30 -9.48
C TYR A 49 8.49 11.45 -8.31
N LEU A 50 8.69 10.14 -8.45
CA LEU A 50 8.41 9.16 -7.39
C LEU A 50 9.74 8.68 -6.87
N PHE A 51 9.92 8.74 -5.56
CA PHE A 51 11.12 8.19 -4.94
C PHE A 51 10.99 6.64 -4.93
N CYS A 52 12.07 5.93 -5.34
CA CYS A 52 12.09 4.47 -5.45
C CYS A 52 13.07 3.80 -4.49
N ARG A 53 12.78 2.55 -4.13
CA ARG A 53 13.66 1.73 -3.29
C ARG A 53 13.82 0.36 -3.93
N TYR A 54 15.04 -0.23 -3.83
CA TYR A 54 15.33 -1.53 -4.37
C TYR A 54 16.12 -2.33 -3.38
N TRP A 55 15.84 -3.64 -3.29
CA TRP A 55 16.59 -4.56 -2.45
C TRP A 55 16.81 -5.80 -3.34
N ALA A 56 18.00 -5.93 -3.91
CA ALA A 56 18.31 -6.98 -4.86
C ALA A 56 19.26 -8.00 -4.28
N PRO A 57 19.02 -9.29 -4.54
CA PRO A 57 19.94 -10.32 -4.03
C PRO A 57 21.27 -10.31 -4.81
N THR A 58 22.29 -11.01 -4.28
CA THR A 58 23.59 -11.07 -4.97
C THR A 58 23.54 -11.97 -6.22
N GLY A 59 22.59 -12.91 -6.27
CA GLY A 59 22.47 -13.80 -7.42
C GLY A 59 21.37 -13.40 -8.39
N THR A 60 21.04 -14.32 -9.32
CA THR A 60 19.97 -14.07 -10.27
C THR A 60 18.65 -14.18 -9.49
N PRO A 61 17.83 -13.13 -9.50
CA PRO A 61 16.57 -13.19 -8.74
C PRO A 61 15.63 -14.27 -9.28
N LYS A 62 14.89 -14.91 -8.39
CA LYS A 62 13.89 -15.92 -8.77
C LYS A 62 12.58 -15.26 -9.22
N ALA A 63 12.30 -14.05 -8.69
CA ALA A 63 11.06 -13.33 -8.95
C ALA A 63 11.24 -11.89 -8.52
N LEU A 64 10.31 -11.02 -8.94
CA LEU A 64 10.26 -9.62 -8.52
C LEU A 64 9.07 -9.47 -7.59
N ILE A 65 9.14 -8.52 -6.66
CA ILE A 65 8.00 -8.27 -5.77
C ILE A 65 7.94 -6.77 -5.52
N PHE A 66 6.79 -6.16 -5.81
CA PHE A 66 6.55 -4.75 -5.53
C PHE A 66 5.89 -4.60 -4.19
N VAL A 67 6.39 -3.69 -3.36
CA VAL A 67 5.81 -3.42 -2.05
C VAL A 67 5.06 -2.09 -2.11
N SER A 68 3.78 -2.14 -1.77
CA SER A 68 2.81 -1.06 -1.84
C SER A 68 2.38 -0.60 -0.43
N HIS A 69 2.87 0.58 0.00
CA HIS A 69 2.65 1.08 1.34
C HIS A 69 1.24 1.65 1.50
N GLY A 70 0.85 1.89 2.76
CA GLY A 70 -0.47 2.43 3.07
C GLY A 70 -0.56 3.95 3.13
N ALA A 71 -1.78 4.45 3.45
CA ALA A 71 -1.98 5.89 3.46
C ALA A 71 -1.21 6.54 4.61
N GLY A 72 -0.65 7.68 4.28
CA GLY A 72 0.13 8.49 5.21
C GLY A 72 1.54 8.01 5.46
N GLU A 73 1.87 6.78 5.13
CA GLU A 73 3.22 6.26 5.40
C GLU A 73 4.07 6.27 4.13
N HIS A 74 5.11 5.46 4.08
CA HIS A 74 6.07 5.49 3.00
C HIS A 74 6.82 4.17 2.95
N SER A 75 7.61 3.98 1.87
CA SER A 75 8.28 2.71 1.56
C SER A 75 9.38 2.32 2.56
N GLY A 76 9.97 3.29 3.23
CA GLY A 76 11.04 3.03 4.18
C GLY A 76 10.59 2.17 5.34
N ARG A 77 9.26 2.15 5.60
CA ARG A 77 8.65 1.36 6.68
C ARG A 77 8.72 -0.17 6.40
N TYR A 78 9.10 -0.58 5.19
CA TYR A 78 9.14 -1.99 4.76
C TYR A 78 10.55 -2.56 4.71
N GLU A 79 11.52 -1.88 5.32
CA GLU A 79 12.91 -2.31 5.31
C GLU A 79 13.10 -3.78 5.72
N GLU A 80 12.61 -4.18 6.90
CA GLU A 80 12.80 -5.53 7.40
C GLU A 80 12.07 -6.56 6.56
N LEU A 81 10.80 -6.28 6.15
CA LEU A 81 10.10 -7.23 5.29
C LEU A 81 10.85 -7.40 3.96
N ALA A 82 11.35 -6.29 3.41
CA ALA A 82 12.05 -6.35 2.13
C ALA A 82 13.33 -7.14 2.26
N ARG A 83 14.05 -6.97 3.36
CA ARG A 83 15.29 -7.71 3.55
C ARG A 83 15.01 -9.21 3.68
N MET A 84 13.89 -9.59 4.32
CA MET A 84 13.50 -11.00 4.42
C MET A 84 13.22 -11.53 3.01
N LEU A 85 12.48 -10.76 2.20
CA LEU A 85 12.13 -11.22 0.84
C LEU A 85 13.35 -11.32 -0.04
N MET A 86 14.26 -10.34 0.07
CA MET A 86 15.50 -10.37 -0.69
CA MET A 86 15.51 -10.37 -0.68
C MET A 86 16.35 -11.60 -0.28
N GLY A 87 16.25 -12.03 0.98
CA GLY A 87 16.94 -13.21 1.48
C GLY A 87 16.43 -14.49 0.83
N LEU A 88 15.21 -14.46 0.27
CA LEU A 88 14.63 -15.58 -0.50
C LEU A 88 15.01 -15.55 -1.97
N ASP A 89 15.92 -14.64 -2.36
CA ASP A 89 16.39 -14.37 -3.71
C ASP A 89 15.34 -13.70 -4.57
N LEU A 90 14.44 -12.89 -3.95
CA LEU A 90 13.54 -12.08 -4.77
C LEU A 90 14.15 -10.68 -4.86
N LEU A 91 13.87 -9.97 -5.95
CA LEU A 91 14.34 -8.61 -6.11
C LEU A 91 13.13 -7.79 -5.65
N VAL A 92 13.27 -7.08 -4.54
CA VAL A 92 12.15 -6.31 -3.98
C VAL A 92 12.26 -4.88 -4.46
N PHE A 93 11.12 -4.26 -4.80
CA PHE A 93 11.15 -2.87 -5.26
C PHE A 93 9.90 -2.15 -4.79
N ALA A 94 9.98 -0.83 -4.68
CA ALA A 94 8.88 -0.05 -4.12
C ALA A 94 9.07 1.42 -4.58
N HIS A 95 8.02 2.20 -4.45
CA HIS A 95 8.13 3.63 -4.50
C HIS A 95 7.16 4.24 -3.52
N ASP A 96 7.44 5.50 -3.15
CA ASP A 96 6.49 6.24 -2.35
C ASP A 96 5.39 6.70 -3.29
N HIS A 97 4.13 6.40 -2.94
CA HIS A 97 3.00 6.83 -3.74
C HIS A 97 2.97 8.35 -3.81
N VAL A 98 2.37 8.90 -4.86
CA VAL A 98 2.28 10.36 -4.99
CA VAL A 98 2.19 10.35 -5.03
C VAL A 98 1.63 10.97 -3.74
N GLY A 99 2.17 12.11 -3.30
CA GLY A 99 1.69 12.73 -2.09
C GLY A 99 2.19 12.13 -0.81
N HIS A 100 3.14 11.17 -0.90
CA HIS A 100 3.66 10.48 0.28
C HIS A 100 5.17 10.47 0.29
N GLY A 101 5.71 10.39 1.50
CA GLY A 101 7.13 10.22 1.74
C GLY A 101 8.00 11.17 0.96
N GLN A 102 8.90 10.59 0.17
CA GLN A 102 9.87 11.39 -0.59
C GLN A 102 9.46 11.62 -2.04
N SER A 103 8.22 11.21 -2.41
CA SER A 103 7.73 11.50 -3.75
C SER A 103 7.07 12.86 -3.80
N GLU A 104 6.89 13.38 -5.03
CA GLU A 104 6.29 14.70 -5.21
C GLU A 104 4.76 14.61 -5.00
N GLY A 105 4.14 15.78 -4.94
CA GLY A 105 2.71 15.91 -4.86
C GLY A 105 2.27 16.57 -3.58
N GLU A 106 1.12 17.29 -3.60
CA GLU A 106 0.54 17.86 -2.38
C GLU A 106 0.28 16.67 -1.40
N ARG A 107 0.63 16.84 -0.10
CA ARG A 107 0.54 15.73 0.85
C ARG A 107 -0.83 15.14 0.94
N MET A 108 -0.89 13.79 0.77
CA MET A 108 -2.08 13.00 0.87
C MET A 108 -3.27 13.59 0.08
N VAL A 109 -3.03 13.85 -1.17
N VAL A 109 -2.99 13.89 -1.18
CA VAL A 109 -4.07 14.16 -2.13
CA VAL A 109 -3.90 14.36 -2.22
C VAL A 109 -3.74 13.39 -3.41
C VAL A 109 -3.69 13.47 -3.46
N VAL A 110 -4.78 13.11 -4.18
CA VAL A 110 -4.62 12.40 -5.43
C VAL A 110 -5.75 12.81 -6.34
N SER A 111 -5.46 13.12 -7.62
CA SER A 111 -6.51 13.58 -8.54
C SER A 111 -7.59 12.54 -8.70
N ASP A 112 -7.18 11.28 -8.82
CA ASP A 112 -8.08 10.12 -8.84
C ASP A 112 -7.28 8.95 -8.28
N PHE A 113 -7.94 8.04 -7.55
CA PHE A 113 -7.27 6.88 -6.94
C PHE A 113 -6.53 6.04 -7.98
N HIS A 114 -6.99 6.05 -9.26
CA HIS A 114 -6.32 5.26 -10.29
C HIS A 114 -4.89 5.67 -10.53
N VAL A 115 -4.50 6.91 -10.17
CA VAL A 115 -3.10 7.34 -10.32
C VAL A 115 -2.16 6.39 -9.60
N PHE A 116 -2.57 5.92 -8.40
CA PHE A 116 -1.68 5.02 -7.65
C PHE A 116 -1.49 3.71 -8.37
N VAL A 117 -2.56 3.20 -8.97
CA VAL A 117 -2.53 1.93 -9.67
C VAL A 117 -1.71 2.06 -10.98
N ARG A 118 -1.94 3.16 -11.71
CA ARG A 118 -1.21 3.47 -12.92
C ARG A 118 0.30 3.53 -12.64
N ASP A 119 0.67 4.17 -11.50
CA ASP A 119 2.11 4.32 -11.20
C ASP A 119 2.74 3.01 -10.78
N VAL A 120 2.01 2.15 -10.06
CA VAL A 120 2.54 0.81 -9.74
C VAL A 120 2.80 0.05 -11.06
N LEU A 121 1.84 0.12 -11.97
CA LEU A 121 1.98 -0.55 -13.26
C LEU A 121 3.13 -0.05 -14.06
N GLN A 122 3.41 1.27 -14.04
CA GLN A 122 4.56 1.82 -14.78
C GLN A 122 5.85 1.24 -14.18
N HIS A 123 5.95 1.25 -12.83
CA HIS A 123 7.17 0.77 -12.18
C HIS A 123 7.36 -0.73 -12.45
N VAL A 124 6.25 -1.51 -12.39
CA VAL A 124 6.32 -2.96 -12.63
C VAL A 124 6.78 -3.18 -14.11
N ASP A 125 6.20 -2.43 -15.04
CA ASP A 125 6.56 -2.56 -16.45
C ASP A 125 8.01 -2.21 -16.70
N SER A 126 8.49 -1.18 -16.03
CA SER A 126 9.88 -0.76 -16.16
CA SER A 126 9.89 -0.76 -16.15
C SER A 126 10.83 -1.83 -15.62
N MET A 127 10.50 -2.42 -14.47
CA MET A 127 11.36 -3.46 -13.89
C MET A 127 11.39 -4.73 -14.68
N GLN A 128 10.25 -5.08 -15.29
CA GLN A 128 10.18 -6.28 -16.11
C GLN A 128 10.99 -6.14 -17.41
N LYS A 129 11.28 -4.90 -17.85
CA LYS A 129 12.16 -4.70 -18.99
C LYS A 129 13.60 -5.03 -18.55
N ASP A 130 14.01 -4.56 -17.37
CA ASP A 130 15.37 -4.76 -16.88
C ASP A 130 15.62 -6.20 -16.42
N TYR A 131 14.57 -6.90 -15.94
CA TYR A 131 14.67 -8.28 -15.45
C TYR A 131 13.60 -9.12 -16.13
N PRO A 132 13.74 -9.42 -17.45
CA PRO A 132 12.66 -10.13 -18.16
C PRO A 132 12.49 -11.60 -17.82
N GLY A 133 11.29 -12.08 -18.06
CA GLY A 133 10.93 -13.47 -17.84
C GLY A 133 10.71 -13.88 -16.40
N LEU A 134 10.71 -12.92 -15.46
CA LEU A 134 10.51 -13.26 -14.06
C LEU A 134 9.07 -13.13 -13.64
N PRO A 135 8.63 -14.00 -12.73
CA PRO A 135 7.28 -13.84 -12.15
C PRO A 135 7.29 -12.56 -11.28
N VAL A 136 6.16 -11.87 -11.21
CA VAL A 136 6.07 -10.66 -10.39
CA VAL A 136 6.05 -10.66 -10.40
C VAL A 136 4.97 -10.79 -9.34
N PHE A 137 5.29 -10.47 -8.08
CA PHE A 137 4.32 -10.50 -7.00
C PHE A 137 4.03 -9.06 -6.52
N LEU A 138 2.95 -8.89 -5.77
CA LEU A 138 2.62 -7.60 -5.14
C LEU A 138 2.46 -7.86 -3.67
N LEU A 139 2.84 -6.92 -2.84
CA LEU A 139 2.62 -6.99 -1.40
C LEU A 139 2.06 -5.65 -1.02
N GLY A 140 0.88 -5.62 -0.44
CA GLY A 140 0.28 -4.36 -0.05
C GLY A 140 -0.29 -4.33 1.35
N HIS A 141 -0.15 -3.18 2.04
CA HIS A 141 -0.76 -2.99 3.35
C HIS A 141 -1.80 -1.86 3.29
N SER A 142 -3.01 -2.07 3.90
CA SER A 142 -4.05 -1.01 3.99
C SER A 142 -4.43 -0.41 2.59
N MET A 143 -4.29 0.91 2.34
CA MET A 143 -4.53 1.49 1.01
C MET A 143 -3.64 0.84 -0.04
N GLY A 144 -2.43 0.44 0.37
CA GLY A 144 -1.53 -0.24 -0.55
C GLY A 144 -2.05 -1.60 -0.98
N GLY A 145 -2.87 -2.25 -0.14
CA GLY A 145 -3.48 -3.52 -0.48
C GLY A 145 -4.66 -3.29 -1.42
N ALA A 146 -5.42 -2.19 -1.25
CA ALA A 146 -6.47 -1.84 -2.25
C ALA A 146 -5.79 -1.54 -3.59
N ILE A 147 -4.66 -0.87 -3.58
CA ILE A 147 -3.88 -0.59 -4.80
C ILE A 147 -3.42 -1.89 -5.41
N ALA A 148 -2.92 -2.86 -4.58
CA ALA A 148 -2.47 -4.14 -5.13
C ALA A 148 -3.63 -4.88 -5.74
N ILE A 149 -4.79 -4.90 -5.06
CA ILE A 149 -5.97 -5.61 -5.63
C ILE A 149 -6.35 -5.01 -7.00
N LEU A 150 -6.46 -3.67 -7.07
CA LEU A 150 -6.85 -3.02 -8.32
C LEU A 150 -5.81 -3.23 -9.42
N THR A 151 -4.52 -3.30 -9.04
CA THR A 151 -3.44 -3.52 -10.01
C THR A 151 -3.56 -4.92 -10.60
N ALA A 152 -3.77 -5.92 -9.75
CA ALA A 152 -3.93 -7.29 -10.24
C ALA A 152 -5.21 -7.45 -11.03
N ALA A 153 -6.31 -6.78 -10.62
CA ALA A 153 -7.57 -6.93 -11.38
C ALA A 153 -7.47 -6.28 -12.79
N GLU A 154 -6.67 -5.24 -12.91
CA GLU A 154 -6.47 -4.58 -14.20
C GLU A 154 -5.68 -5.49 -15.16
N ARG A 155 -4.81 -6.37 -14.65
CA ARG A 155 -3.97 -7.24 -15.50
C ARG A 155 -4.17 -8.72 -15.10
N PRO A 156 -5.37 -9.30 -15.36
CA PRO A 156 -5.58 -10.71 -15.02
C PRO A 156 -4.54 -11.64 -15.65
N GLY A 157 -4.02 -12.54 -14.84
CA GLY A 157 -3.02 -13.51 -15.23
C GLY A 157 -1.59 -13.02 -15.28
N HIS A 158 -1.37 -11.72 -15.10
CA HIS A 158 0.00 -11.16 -15.16
C HIS A 158 0.79 -11.40 -13.86
N PHE A 159 0.15 -11.27 -12.69
CA PHE A 159 0.89 -11.36 -11.42
C PHE A 159 0.86 -12.79 -10.88
N ALA A 160 2.01 -13.22 -10.33
CA ALA A 160 2.14 -14.56 -9.77
C ALA A 160 1.42 -14.72 -8.44
N GLY A 161 1.26 -13.62 -7.72
CA GLY A 161 0.67 -13.68 -6.39
C GLY A 161 0.63 -12.34 -5.75
N MET A 162 -0.17 -12.24 -4.73
CA MET A 162 -0.35 -11.01 -3.99
CA MET A 162 -0.39 -11.01 -3.96
C MET A 162 -0.41 -11.35 -2.50
N VAL A 163 0.29 -10.56 -1.68
CA VAL A 163 0.29 -10.72 -0.22
C VAL A 163 -0.41 -9.46 0.30
N LEU A 164 -1.50 -9.58 1.02
CA LEU A 164 -2.26 -8.46 1.54
C LEU A 164 -2.20 -8.46 3.04
N ILE A 165 -1.79 -7.33 3.62
CA ILE A 165 -1.74 -7.19 5.06
C ILE A 165 -2.75 -6.14 5.42
N SER A 166 -3.86 -6.54 6.06
CA SER A 166 -4.97 -5.63 6.42
CA SER A 166 -4.92 -5.59 6.45
C SER A 166 -5.33 -4.67 5.30
N PRO A 167 -5.70 -5.22 4.13
CA PRO A 167 -6.02 -4.35 2.99
C PRO A 167 -7.29 -3.55 3.20
N LEU A 168 -7.31 -2.38 2.59
CA LEU A 168 -8.48 -1.52 2.67
C LEU A 168 -9.51 -2.04 1.70
N VAL A 169 -10.52 -2.70 2.24
CA VAL A 169 -11.58 -3.26 1.39
C VAL A 169 -12.95 -2.77 1.83
N LEU A 170 -13.10 -2.59 3.13
CA LEU A 170 -14.25 -2.06 3.84
C LEU A 170 -13.60 -1.23 4.91
N ALA A 171 -13.99 0.03 5.00
CA ALA A 171 -13.51 0.89 6.08
C ALA A 171 -14.20 0.46 7.40
N ASN A 172 -13.74 0.94 8.57
CA ASN A 172 -14.39 0.65 9.85
C ASN A 172 -15.83 1.26 9.79
N PRO A 173 -16.86 0.45 10.04
CA PRO A 173 -18.24 0.95 9.91
C PRO A 173 -18.55 2.27 10.60
N GLU A 174 -18.05 2.47 11.84
CA GLU A 174 -18.29 3.69 12.60
C GLU A 174 -17.61 4.92 12.02
N SER A 175 -16.48 4.72 11.32
CA SER A 175 -15.76 5.83 10.70
CA SER A 175 -15.73 5.80 10.69
C SER A 175 -16.25 6.11 9.28
N ALA A 176 -16.75 5.07 8.58
CA ALA A 176 -17.29 5.18 7.23
C ALA A 176 -18.57 6.01 7.24
N THR A 177 -19.43 5.81 8.26
CA THR A 177 -20.69 6.54 8.38
C THR A 177 -20.40 8.00 8.72
N THR A 178 -19.46 8.25 9.65
CA THR A 178 -19.08 9.61 10.06
C THR A 178 -18.52 10.38 8.86
N PHE A 179 -17.67 9.71 8.05
CA PHE A 179 -17.11 10.35 6.88
C PHE A 179 -18.10 10.56 5.76
N LYS A 180 -18.82 9.51 5.29
CA LYS A 180 -19.79 9.62 4.19
C LYS A 180 -20.81 10.76 4.33
N VAL A 181 -21.06 11.20 5.57
CA VAL A 181 -21.95 12.32 5.81
C VAL A 181 -21.20 13.63 5.50
N LEU A 182 -20.00 13.78 6.10
CA LEU A 182 -19.12 14.94 5.89
C LEU A 182 -18.68 15.09 4.43
N ALA A 183 -18.53 13.96 3.74
CA ALA A 183 -18.15 13.85 2.34
C ALA A 183 -19.25 14.44 1.46
N ALA A 184 -20.53 14.11 1.72
CA ALA A 184 -21.64 14.67 0.95
C ALA A 184 -21.90 16.16 1.23
N LYS A 185 -21.12 16.78 2.14
CA LYS A 185 -21.22 18.21 2.40
C LYS A 185 -20.18 18.96 1.53
N VAL A 186 -19.00 18.37 1.37
CA VAL A 186 -17.96 18.86 0.48
C VAL A 186 -18.35 18.58 -0.98
N LEU A 187 -19.06 17.45 -1.23
CA LEU A 187 -19.56 17.07 -2.57
C LEU A 187 -20.65 18.02 -3.08
N ASN A 188 -21.36 18.69 -2.17
CA ASN A 188 -22.41 19.64 -2.55
C ASN A 188 -21.97 21.10 -2.56
N SER A 189 -20.84 21.40 -1.94
CA SER A 189 -20.40 22.79 -1.86
CA SER A 189 -20.36 22.77 -1.80
C SER A 189 -18.88 22.93 -2.17
N VAL A 190 -18.33 24.17 -2.14
CA VAL A 190 -16.91 24.36 -2.45
C VAL A 190 -16.22 24.51 -1.12
N LEU A 191 -15.59 23.44 -0.61
CA LEU A 191 -14.89 23.47 0.69
C LEU A 191 -13.60 22.68 0.52
N PRO A 192 -12.57 23.26 -0.12
CA PRO A 192 -11.34 22.49 -0.40
C PRO A 192 -10.49 22.06 0.80
N ASN A 193 -10.42 22.89 1.84
CA ASN A 193 -9.55 22.62 2.98
C ASN A 193 -10.12 21.70 4.05
N LEU A 194 -11.36 21.23 3.88
CA LEU A 194 -12.00 20.41 4.90
C LEU A 194 -11.23 19.12 5.17
N SER A 195 -11.20 18.72 6.44
CA SER A 195 -10.49 17.52 6.86
C SER A 195 -11.17 16.88 8.05
N SER A 196 -11.12 15.57 8.12
CA SER A 196 -11.58 14.86 9.30
C SER A 196 -10.41 14.81 10.32
N GLY A 197 -10.60 14.17 11.47
CA GLY A 197 -9.56 14.08 12.48
C GLY A 197 -8.50 13.05 12.11
N PRO A 198 -7.31 13.13 12.72
N PRO A 198 -7.31 13.13 12.72
CA PRO A 198 -6.26 12.15 12.41
CA PRO A 198 -6.26 12.15 12.41
C PRO A 198 -6.52 10.79 13.08
C PRO A 198 -6.52 10.79 13.08
N ILE A 199 -5.80 9.76 12.62
CA ILE A 199 -5.89 8.41 13.17
C ILE A 199 -5.35 8.44 14.61
N ASP A 200 -5.99 7.70 15.53
CA ASP A 200 -5.49 7.60 16.90
C ASP A 200 -4.38 6.54 16.75
N SER A 201 -3.13 6.96 16.82
CA SER A 201 -1.99 6.06 16.61
CA SER A 201 -1.97 6.08 16.65
C SER A 201 -2.01 4.82 17.50
N SER A 202 -2.64 4.88 18.70
CA SER A 202 -2.65 3.69 19.57
C SER A 202 -3.38 2.51 18.95
N VAL A 203 -4.29 2.74 17.99
CA VAL A 203 -4.99 1.60 17.35
C VAL A 203 -4.18 0.94 16.25
N LEU A 204 -2.99 1.46 15.92
CA LEU A 204 -2.17 0.86 14.85
C LEU A 204 -1.62 -0.50 15.24
N SER A 205 -1.21 -0.62 16.51
CA SER A 205 -0.53 -1.81 16.93
C SER A 205 -0.55 -1.89 18.45
N ARG A 206 -0.61 -3.10 18.98
CA ARG A 206 -0.49 -3.30 20.44
C ARG A 206 1.00 -3.12 20.86
N ASN A 207 1.94 -3.11 19.90
CA ASN A 207 3.33 -2.92 20.20
C ASN A 207 3.55 -1.41 20.39
N LYS A 208 3.66 -0.97 21.65
CA LYS A 208 3.84 0.46 21.95
C LYS A 208 5.09 1.04 21.36
N THR A 209 6.18 0.27 21.21
CA THR A 209 7.41 0.80 20.60
C THR A 209 7.15 1.16 19.13
N GLU A 210 6.40 0.29 18.42
CA GLU A 210 6.09 0.60 17.01
C GLU A 210 5.13 1.78 16.90
N VAL A 211 4.22 1.97 17.85
CA VAL A 211 3.36 3.17 17.82
C VAL A 211 4.25 4.43 18.02
N ASP A 212 5.20 4.36 18.94
CA ASP A 212 6.11 5.50 19.16
C ASP A 212 7.02 5.79 17.96
N ILE A 213 7.42 4.77 17.25
CA ILE A 213 8.25 4.89 16.05
C ILE A 213 7.44 5.58 14.98
N TYR A 214 6.20 5.15 14.75
CA TYR A 214 5.28 5.79 13.80
C TYR A 214 5.12 7.28 14.14
N ASN A 215 4.95 7.58 15.44
CA ASN A 215 4.79 8.96 15.88
C ASN A 215 6.05 9.80 15.77
N SER A 216 7.20 9.17 15.54
CA SER A 216 8.52 9.84 15.47
C SER A 216 9.05 10.00 14.06
N ASP A 217 8.44 9.33 13.08
CA ASP A 217 8.93 9.36 11.72
C ASP A 217 8.48 10.62 10.99
N PRO A 218 9.41 11.52 10.64
CA PRO A 218 8.99 12.75 9.93
C PRO A 218 8.50 12.53 8.50
N LEU A 219 8.71 11.34 7.93
CA LEU A 219 8.18 11.07 6.56
C LEU A 219 6.73 10.61 6.58
N ILE A 220 6.15 10.39 7.78
CA ILE A 220 4.77 9.96 7.91
C ILE A 220 3.89 11.19 8.05
N CYS A 221 2.79 11.23 7.33
CA CYS A 221 1.81 12.31 7.45
C CYS A 221 0.79 11.91 8.47
N ARG A 222 0.83 12.55 9.63
CA ARG A 222 -0.12 12.23 10.68
C ARG A 222 -1.24 13.30 10.82
N ALA A 223 -1.41 14.14 9.79
CA ALA A 223 -2.49 15.13 9.75
C ALA A 223 -3.82 14.37 9.52
N GLY A 224 -4.94 15.03 9.78
CA GLY A 224 -6.25 14.45 9.50
C GLY A 224 -6.43 14.24 8.00
N LEU A 225 -7.29 13.31 7.65
CA LEU A 225 -7.58 12.99 6.27
C LEU A 225 -8.27 14.16 5.60
N LYS A 226 -7.74 14.65 4.48
CA LYS A 226 -8.42 15.72 3.73
C LYS A 226 -9.68 15.07 3.12
N VAL A 227 -10.83 15.79 3.11
CA VAL A 227 -12.07 15.21 2.62
C VAL A 227 -11.96 14.73 1.16
N CYS A 228 -11.24 15.47 0.30
CA CYS A 228 -11.01 15.08 -1.10
CA CYS A 228 -11.06 15.05 -1.09
C CYS A 228 -10.31 13.72 -1.16
N PHE A 229 -9.35 13.49 -0.26
CA PHE A 229 -8.62 12.21 -0.22
C PHE A 229 -9.52 11.10 0.31
N GLY A 230 -10.32 11.42 1.33
CA GLY A 230 -11.29 10.46 1.86
C GLY A 230 -12.27 9.99 0.80
N ILE A 231 -12.63 10.92 -0.13
CA ILE A 231 -13.49 10.58 -1.27
C ILE A 231 -12.78 9.56 -2.15
N GLN A 232 -11.48 9.76 -2.41
CA GLN A 232 -10.72 8.82 -3.22
C GLN A 232 -10.59 7.47 -2.55
N LEU A 233 -10.54 7.44 -1.21
CA LEU A 233 -10.51 6.15 -0.50
C LEU A 233 -11.86 5.45 -0.63
N LEU A 234 -12.97 6.20 -0.59
CA LEU A 234 -14.29 5.63 -0.79
C LEU A 234 -14.40 5.12 -2.24
N ASN A 235 -13.76 5.83 -3.23
CA ASN A 235 -13.72 5.35 -4.61
C ASN A 235 -12.95 4.05 -4.66
N ALA A 236 -11.83 3.96 -3.95
CA ALA A 236 -11.03 2.73 -3.90
C ALA A 236 -11.87 1.54 -3.38
N VAL A 237 -12.62 1.73 -2.28
CA VAL A 237 -13.44 0.66 -1.71
C VAL A 237 -14.50 0.19 -2.72
N SER A 238 -15.12 1.16 -3.41
CA SER A 238 -16.14 0.91 -4.43
CA SER A 238 -16.14 0.85 -4.41
C SER A 238 -15.53 0.07 -5.55
N ARG A 239 -14.34 0.47 -6.03
CA ARG A 239 -13.65 -0.19 -7.13
C ARG A 239 -13.19 -1.55 -6.75
N VAL A 240 -12.71 -1.75 -5.48
CA VAL A 240 -12.31 -3.07 -5.01
C VAL A 240 -13.49 -4.03 -5.07
N GLU A 241 -14.65 -3.59 -4.58
CA GLU A 241 -15.86 -4.42 -4.58
C GLU A 241 -16.23 -4.86 -6.01
N ARG A 242 -16.20 -3.94 -6.96
CA ARG A 242 -16.52 -4.27 -8.36
C ARG A 242 -15.44 -5.14 -9.03
N ALA A 243 -14.21 -5.12 -8.53
CA ALA A 243 -13.11 -5.89 -9.11
C ALA A 243 -13.04 -7.32 -8.65
N LEU A 244 -13.58 -7.62 -7.46
CA LEU A 244 -13.48 -8.99 -6.92
C LEU A 244 -13.96 -10.10 -7.90
N PRO A 245 -15.06 -9.94 -8.68
CA PRO A 245 -15.39 -11.00 -9.67
C PRO A 245 -14.35 -11.19 -10.80
N LYS A 246 -13.44 -10.25 -10.96
CA LYS A 246 -12.36 -10.33 -11.93
C LYS A 246 -11.02 -10.74 -11.32
N LEU A 247 -10.95 -10.80 -9.97
CA LEU A 247 -9.70 -11.05 -9.31
C LEU A 247 -9.47 -12.53 -9.26
N THR A 248 -8.44 -12.98 -9.93
CA THR A 248 -8.10 -14.40 -9.98
C THR A 248 -6.70 -14.69 -9.51
N VAL A 249 -5.93 -13.65 -9.15
CA VAL A 249 -4.55 -13.83 -8.75
C VAL A 249 -4.49 -14.62 -7.44
N PRO A 250 -3.48 -15.47 -7.29
CA PRO A 250 -3.27 -16.12 -6.00
C PRO A 250 -3.00 -15.07 -4.92
N PHE A 251 -3.51 -15.30 -3.70
CA PHE A 251 -3.23 -14.36 -2.64
C PHE A 251 -3.23 -14.98 -1.28
N LEU A 252 -2.43 -14.37 -0.42
CA LEU A 252 -2.37 -14.60 1.00
C LEU A 252 -2.93 -13.35 1.67
N LEU A 253 -3.90 -13.47 2.56
CA LEU A 253 -4.55 -12.37 3.25
C LEU A 253 -4.36 -12.51 4.74
N LEU A 254 -3.71 -11.51 5.32
CA LEU A 254 -3.40 -11.51 6.76
C LEU A 254 -4.21 -10.39 7.38
N GLN A 255 -4.95 -10.69 8.46
CA GLN A 255 -5.84 -9.70 9.06
C GLN A 255 -5.94 -9.90 10.57
N GLY A 256 -5.92 -8.80 11.32
CA GLY A 256 -6.10 -8.84 12.77
C GLY A 256 -7.54 -8.72 13.09
N SER A 257 -7.99 -9.50 14.12
CA SER A 257 -9.40 -9.49 14.43
C SER A 257 -9.83 -8.22 15.13
N ALA A 258 -8.89 -7.45 15.69
CA ALA A 258 -9.24 -6.24 16.43
C ALA A 258 -8.78 -5.00 15.71
N ASP A 259 -8.75 -5.05 14.39
CA ASP A 259 -8.28 -3.93 13.58
C ASP A 259 -9.42 -2.91 13.55
N ARG A 260 -9.17 -1.71 14.12
CA ARG A 260 -10.13 -0.63 14.13
C ARG A 260 -10.07 0.28 12.91
N LEU A 261 -9.14 0.02 11.98
CA LEU A 261 -8.95 0.84 10.76
C LEU A 261 -9.54 0.13 9.55
N CYS A 262 -9.19 -1.13 9.35
CA CYS A 262 -9.78 -1.96 8.32
C CYS A 262 -10.49 -3.05 9.04
N ASP A 263 -11.81 -2.97 9.05
CA ASP A 263 -12.63 -3.96 9.74
C ASP A 263 -12.44 -5.34 9.12
N SER A 264 -12.24 -6.31 9.98
CA SER A 264 -11.99 -7.70 9.61
C SER A 264 -13.09 -8.29 8.73
N LYS A 265 -14.30 -7.74 8.79
CA LYS A 265 -15.42 -8.16 7.92
C LYS A 265 -15.02 -8.05 6.43
N GLY A 266 -14.18 -7.05 6.10
CA GLY A 266 -13.70 -6.89 4.73
C GLY A 266 -12.81 -8.05 4.31
N ALA A 267 -11.99 -8.57 5.23
CA ALA A 267 -11.11 -9.70 4.88
C ALA A 267 -11.98 -10.96 4.57
N TYR A 268 -13.05 -11.21 5.36
CA TYR A 268 -13.93 -12.35 5.11
C TYR A 268 -14.65 -12.17 3.78
N LEU A 269 -15.08 -10.94 3.48
CA LEU A 269 -15.74 -10.66 2.21
C LEU A 269 -14.82 -10.84 1.03
N LEU A 270 -13.55 -10.44 1.17
CA LEU A 270 -12.56 -10.64 0.11
C LEU A 270 -12.34 -12.13 -0.14
N MET A 271 -12.23 -12.98 0.92
CA MET A 271 -12.08 -14.43 0.72
C MET A 271 -13.27 -14.99 0.02
N GLU A 272 -14.47 -14.51 0.33
CA GLU A 272 -15.66 -15.05 -0.28
C GLU A 272 -15.87 -14.60 -1.72
N LEU A 273 -15.70 -13.30 -2.00
CA LEU A 273 -16.07 -12.77 -3.31
C LEU A 273 -14.99 -12.82 -4.35
N ALA A 274 -13.69 -12.90 -3.97
CA ALA A 274 -12.63 -13.06 -4.96
C ALA A 274 -12.79 -14.37 -5.73
N LYS A 275 -12.52 -14.38 -7.06
CA LYS A 275 -12.64 -15.62 -7.83
C LYS A 275 -11.39 -16.50 -7.78
N SER A 276 -10.28 -16.00 -7.21
CA SER A 276 -9.01 -16.71 -7.15
CA SER A 276 -9.02 -16.71 -7.12
C SER A 276 -9.14 -18.18 -6.71
N GLN A 277 -8.46 -19.07 -7.44
CA GLN A 277 -8.41 -20.50 -7.08
C GLN A 277 -7.43 -20.76 -5.93
N ASP A 278 -6.49 -19.79 -5.65
CA ASP A 278 -5.52 -20.00 -4.62
C ASP A 278 -5.63 -18.84 -3.65
N LYS A 279 -6.45 -19.00 -2.64
CA LYS A 279 -6.64 -17.95 -1.62
C LYS A 279 -6.59 -18.51 -0.24
N THR A 280 -5.88 -17.78 0.64
CA THR A 280 -5.67 -18.22 2.00
C THR A 280 -5.85 -17.03 2.92
N LEU A 281 -6.53 -17.20 4.06
CA LEU A 281 -6.73 -16.16 5.05
C LEU A 281 -6.14 -16.62 6.34
N LYS A 282 -5.39 -15.76 6.99
CA LYS A 282 -4.94 -16.04 8.34
C LYS A 282 -5.41 -14.91 9.21
N ILE A 283 -6.09 -15.23 10.31
CA ILE A 283 -6.58 -14.25 11.25
C ILE A 283 -5.71 -14.27 12.47
N TYR A 284 -5.30 -13.05 12.90
CA TYR A 284 -4.49 -12.90 14.11
C TYR A 284 -5.41 -12.40 15.21
N GLU A 285 -5.73 -13.30 16.14
CA GLU A 285 -6.70 -13.02 17.18
C GLU A 285 -6.23 -11.97 18.18
N GLY A 286 -6.97 -10.88 18.26
CA GLY A 286 -6.65 -9.77 19.16
C GLY A 286 -5.71 -8.73 18.54
N ALA A 287 -5.11 -9.05 17.37
CA ALA A 287 -4.16 -8.12 16.76
C ALA A 287 -4.78 -6.89 16.17
N TYR A 288 -4.01 -5.80 16.16
CA TYR A 288 -4.46 -4.55 15.60
C TYR A 288 -4.19 -4.47 14.08
N HIS A 289 -3.96 -3.28 13.54
CA HIS A 289 -3.83 -3.06 12.09
C HIS A 289 -2.50 -3.42 11.46
N VAL A 290 -1.40 -2.91 12.03
CA VAL A 290 -0.10 -3.07 11.41
C VAL A 290 0.51 -4.37 11.82
N LEU A 291 0.08 -5.45 11.14
CA LEU A 291 0.47 -6.79 11.59
C LEU A 291 1.95 -7.06 11.50
N HIS A 292 2.64 -6.43 10.53
CA HIS A 292 4.08 -6.63 10.37
C HIS A 292 4.89 -5.71 11.35
N LYS A 293 4.19 -4.99 12.25
CA LYS A 293 4.83 -4.18 13.32
C LYS A 293 3.96 -4.31 14.59
N GLU A 294 3.52 -5.54 14.87
CA GLU A 294 2.65 -5.86 15.98
C GLU A 294 3.48 -6.47 17.12
N LEU A 295 2.84 -7.15 18.10
CA LEU A 295 3.60 -7.82 19.17
C LEU A 295 4.53 -8.87 18.52
N PRO A 296 5.74 -9.07 19.05
CA PRO A 296 6.68 -10.00 18.39
C PRO A 296 6.12 -11.32 17.95
N GLU A 297 5.25 -11.97 18.76
CA GLU A 297 4.69 -13.27 18.37
C GLU A 297 3.90 -13.15 17.06
N VAL A 298 3.19 -12.04 16.86
CA VAL A 298 2.43 -11.82 15.65
C VAL A 298 3.37 -11.46 14.51
N THR A 299 4.28 -10.50 14.72
CA THR A 299 5.20 -10.09 13.67
C THR A 299 6.06 -11.24 13.16
N ASN A 300 6.57 -12.08 14.07
CA ASN A 300 7.39 -13.22 13.64
C ASN A 300 6.58 -14.20 12.81
N SER A 301 5.30 -14.40 13.16
CA SER A 301 4.40 -15.28 12.41
C SER A 301 4.12 -14.69 11.03
N VAL A 302 3.84 -13.40 10.94
CA VAL A 302 3.58 -12.69 9.69
C VAL A 302 4.77 -12.87 8.73
N PHE A 303 5.99 -12.65 9.24
CA PHE A 303 7.17 -12.79 8.40
C PHE A 303 7.33 -14.24 7.96
N HIS A 304 7.13 -15.18 8.89
CA HIS A 304 7.27 -16.59 8.56
C HIS A 304 6.23 -17.02 7.51
N GLU A 305 4.97 -16.60 7.65
CA GLU A 305 3.89 -16.98 6.73
C GLU A 305 4.09 -16.42 5.34
N ILE A 306 4.53 -15.18 5.26
CA ILE A 306 4.84 -14.58 3.95
C ILE A 306 6.02 -15.30 3.30
N ASN A 307 7.03 -15.63 4.10
CA ASN A 307 8.22 -16.36 3.63
C ASN A 307 7.79 -17.72 3.02
N MET A 308 7.01 -18.50 3.77
CA MET A 308 6.55 -19.82 3.30
C MET A 308 5.69 -19.69 2.05
N TRP A 309 4.77 -18.70 2.05
CA TRP A 309 3.84 -18.54 0.96
C TRP A 309 4.52 -18.15 -0.35
N VAL A 310 5.45 -17.19 -0.29
CA VAL A 310 6.18 -16.77 -1.47
C VAL A 310 7.20 -17.85 -1.87
N SER A 311 7.87 -18.51 -0.90
CA SER A 311 8.83 -19.59 -1.16
C SER A 311 8.12 -20.74 -1.91
N GLN A 312 6.90 -21.10 -1.50
CA GLN A 312 6.15 -22.18 -2.16
C GLN A 312 5.79 -21.83 -3.61
N ARG A 313 5.60 -20.54 -3.90
CA ARG A 313 5.17 -20.07 -5.21
C ARG A 313 6.30 -19.51 -6.09
N THR A 314 7.55 -19.69 -5.66
CA THR A 314 8.75 -19.33 -6.41
C THR A 314 9.70 -20.54 -6.59
N ALA A 315 9.38 -21.72 -6.03
CA ALA A 315 10.21 -22.91 -6.12
C ALA A 315 10.28 -23.45 -7.56
#